data_5ICA
#
_entry.id   5ICA
#
_cell.length_a   121.695
_cell.length_b   121.695
_cell.length_c   167.490
_cell.angle_alpha   90.00
_cell.angle_beta   90.00
_cell.angle_gamma   120.00
#
_symmetry.space_group_name_H-M   'P 32 2 1'
#
loop_
_entity.id
_entity.type
_entity.pdbx_description
1 polymer 'Putative uncharacterized protein'
2 polymer 'Putative uncharacterized protein'
3 polymer 'Putative U3 snoRNP protein'
4 polymer 'Periodic tryptophan protein 2-like protein'
#
loop_
_entity_poly.entity_id
_entity_poly.type
_entity_poly.pdbx_seq_one_letter_code
_entity_poly.pdbx_strand_id
1 'polypeptide(L)'
;TKQTVETLMAGERIAEALELGMTDLNTIREWEEARQINPNIAPPQRNPIFVALGNIPAETYVLNTLQKIKPASLHDALLV
LPFSTIPSLLTFLNLFAQRELNVPLTCRILFFVLKTHHKQIVASRTMRATLEKVRANLRAALRRQKDEMGFNIAALKVVS
MQL
;
A
2 'polypeptide(L)'
;LVEQEQTLENYIHAGAYRDAIVLALQLNHPGRLLNLFTNVVTTRNPDPDSLTGLKAVDDVLAKLSDEQIFQLLLRLRDWN
TNARTAPVAQRVLWALFKSHPANKLSSLSVKGARGHKSLNEVLDAIKVYTERHYKRIEELVDESYLVEYTLR
;
B
3 'polypeptide(L)'
;EGGQGLIEAALEAEEEQAEDDGVMAPIIDQLSADMMTLSLVPRSRWQTLLHIDIIKARNKPKEPPKAPEKAPFFLPPVGQ
NGISSLIPQEDAKAKKEKAAANGASRITKLDLTRQEQTFTSKLLVGGAKGDYTDFIEHLKALPPAAADLELRSLSIGNGD
EATNELLHFIRALTSRLVARRDYELTQAWMTVFLRLHFDLIMENEELLQALGEWREHQARERDRLSELVGYCGGVVSFLR
SPRT
;
C
4 'polypeptide(L)'
;DNTVQFDPFDLNMEITPASTLAVLEKEKDYLKALVMAFRLNEAGLITRVYQAIPYTDIGLVVEQFPTVYVPRLLRFVAAQ
TEQSPHMEFCLLWIRALIDKHGPWLAANRGKVDVELRVVARAVAKMRDEIRRLADENVYMVDYLLNQAK
;
D
#
# COMPACT_ATOMS: atom_id res chain seq x y z
N THR A 1 15.42 9.17 35.85
CA THR A 1 16.77 9.43 36.32
C THR A 1 17.84 9.13 35.26
N LYS A 2 18.10 7.84 35.04
CA LYS A 2 19.04 7.39 34.01
C LYS A 2 18.38 7.50 32.62
N GLN A 3 17.08 7.23 32.58
CA GLN A 3 16.27 7.32 31.38
C GLN A 3 16.45 8.69 30.72
N THR A 4 16.58 9.73 31.52
CA THR A 4 16.73 11.08 30.99
C THR A 4 18.16 11.34 30.51
N VAL A 5 19.14 10.59 31.02
CA VAL A 5 20.49 10.67 30.45
C VAL A 5 20.49 10.08 29.05
N GLU A 6 19.82 8.94 28.91
CA GLU A 6 19.67 8.27 27.61
C GLU A 6 18.96 9.17 26.62
N THR A 7 17.76 9.57 27.03
CA THR A 7 16.92 10.47 26.26
C THR A 7 17.71 11.68 25.81
N LEU A 8 18.38 12.33 26.76
CA LEU A 8 19.10 13.56 26.47
C LEU A 8 20.22 13.33 25.46
N MET A 9 20.99 12.27 25.68
CA MET A 9 22.06 11.91 24.76
C MET A 9 21.53 11.72 23.35
N ALA A 10 20.48 10.91 23.24
CA ALA A 10 19.89 10.54 21.97
C ALA A 10 19.17 11.73 21.35
N GLY A 11 18.96 12.76 22.16
CA GLY A 11 18.36 13.98 21.69
C GLY A 11 19.43 14.84 21.03
N GLU A 12 20.52 15.05 21.76
CA GLU A 12 21.60 15.87 21.23
C GLU A 12 22.16 15.30 19.92
N ARG A 13 22.34 13.97 19.84
CA ARG A 13 22.88 13.39 18.61
C ARG A 13 22.02 13.72 17.39
N ILE A 14 20.71 13.50 17.49
CA ILE A 14 19.83 13.84 16.36
C ILE A 14 19.75 15.35 16.11
N ALA A 15 19.75 16.16 17.17
CA ALA A 15 19.65 17.60 16.99
C ALA A 15 20.85 18.18 16.22
N GLU A 16 22.06 17.81 16.62
CA GLU A 16 23.24 18.37 15.95
C GLU A 16 23.44 17.73 14.58
N ALA A 17 23.20 16.42 14.46
CA ALA A 17 23.23 15.78 13.16
C ALA A 17 22.31 16.54 12.19
N LEU A 18 21.13 16.87 12.67
CA LEU A 18 20.16 17.59 11.88
C LEU A 18 20.63 19.00 11.54
N GLU A 19 21.41 19.60 12.45
CA GLU A 19 22.01 20.90 12.18
C GLU A 19 22.99 20.85 11.00
N LEU A 20 23.95 19.93 11.09
CA LEU A 20 24.93 19.71 10.02
C LEU A 20 24.26 19.40 8.68
N GLY A 21 23.33 18.45 8.70
CA GLY A 21 22.63 18.05 7.50
C GLY A 21 21.88 19.21 6.88
N MET A 22 21.19 19.98 7.70
CA MET A 22 20.38 21.07 7.17
C MET A 22 21.26 22.16 6.57
N THR A 23 22.34 22.52 7.27
CA THR A 23 23.30 23.48 6.70
C THR A 23 23.86 22.96 5.36
N ASP A 24 24.21 21.67 5.31
CA ASP A 24 24.72 21.07 4.08
C ASP A 24 23.75 21.18 2.90
N LEU A 25 22.51 20.75 3.13
CA LEU A 25 21.45 20.90 2.13
C LEU A 25 21.35 22.34 1.65
N ASN A 26 21.41 23.28 2.59
CA ASN A 26 21.26 24.67 2.22
C ASN A 26 22.45 25.16 1.38
N THR A 27 23.66 24.77 1.72
CA THR A 27 24.82 25.14 0.91
C THR A 27 24.71 24.55 -0.50
N ILE A 28 24.34 23.27 -0.60
CA ILE A 28 24.32 22.66 -1.93
C ILE A 28 23.23 23.28 -2.80
N ARG A 29 22.08 23.66 -2.23
CA ARG A 29 21.05 24.28 -3.08
C ARG A 29 21.48 25.69 -3.45
N GLU A 30 22.21 26.35 -2.56
CA GLU A 30 22.81 27.66 -2.86
C GLU A 30 23.77 27.56 -4.05
N TRP A 31 24.60 26.54 -4.01
CA TRP A 31 25.57 26.28 -5.07
C TRP A 31 24.84 25.93 -6.36
N GLU A 32 23.69 25.27 -6.24
CA GLU A 32 22.83 24.95 -7.38
C GLU A 32 22.39 26.22 -8.10
N GLU A 33 21.71 27.07 -7.33
CA GLU A 33 21.22 28.34 -7.82
C GLU A 33 22.36 29.25 -8.31
N ALA A 34 23.54 29.06 -7.75
CA ALA A 34 24.70 29.86 -8.12
C ALA A 34 25.29 29.41 -9.45
N ARG A 35 25.27 28.10 -9.69
CA ARG A 35 25.83 27.53 -10.91
C ARG A 35 24.87 27.72 -12.08
N GLN A 36 23.58 27.79 -11.81
CA GLN A 36 22.61 28.00 -12.89
C GLN A 36 22.70 29.42 -13.45
N ILE A 37 23.48 30.28 -12.77
CA ILE A 37 23.83 31.62 -13.27
C ILE A 37 25.03 31.55 -14.20
N ASN A 38 26.13 30.99 -13.68
CA ASN A 38 27.30 30.70 -14.49
C ASN A 38 27.86 29.31 -14.13
N PRO A 39 27.70 28.35 -15.06
CA PRO A 39 28.05 26.94 -14.85
C PRO A 39 29.52 26.71 -14.53
N ASN A 40 30.38 27.58 -15.05
CA ASN A 40 31.81 27.42 -14.85
C ASN A 40 32.23 27.95 -13.48
N ILE A 41 33.23 27.29 -12.90
CA ILE A 41 33.85 27.65 -11.62
C ILE A 41 32.83 27.88 -10.48
N ALA A 42 32.75 26.88 -9.61
CA ALA A 42 31.89 26.91 -8.44
C ALA A 42 32.14 25.66 -7.59
N PRO A 43 32.90 25.81 -6.50
CA PRO A 43 33.18 24.69 -5.60
C PRO A 43 32.16 24.58 -4.45
N PRO A 44 31.94 23.36 -3.94
CA PRO A 44 30.97 23.13 -2.87
C PRO A 44 31.50 23.43 -1.47
N GLN A 45 32.78 23.15 -1.23
CA GLN A 45 33.38 23.14 0.12
C GLN A 45 32.40 22.66 1.19
N ARG A 46 32.18 21.35 1.23
CA ARG A 46 31.30 20.76 2.23
C ARG A 46 32.03 20.59 3.56
N ASN A 47 31.24 20.48 4.63
CA ASN A 47 31.78 20.17 5.95
C ASN A 47 32.66 18.92 5.89
N PRO A 48 33.83 18.97 6.52
CA PRO A 48 34.81 17.88 6.52
C PRO A 48 34.27 16.51 6.93
N ILE A 49 33.25 16.46 7.77
CA ILE A 49 32.78 15.17 8.25
C ILE A 49 32.24 14.29 7.12
N PHE A 50 31.49 14.90 6.20
CA PHE A 50 30.95 14.12 5.09
C PHE A 50 32.08 13.53 4.23
N VAL A 51 33.01 14.39 3.79
CA VAL A 51 34.11 13.95 2.93
C VAL A 51 34.99 12.96 3.68
N ALA A 52 35.00 13.06 4.99
CA ALA A 52 35.72 12.11 5.83
C ALA A 52 35.06 10.75 5.77
N LEU A 53 33.74 10.77 5.73
CA LEU A 53 33.01 9.52 5.76
C LEU A 53 33.12 8.74 4.45
N GLY A 54 33.64 9.39 3.42
CA GLY A 54 33.66 8.80 2.10
C GLY A 54 32.74 9.62 1.23
N ASN A 55 32.64 10.90 1.57
CA ASN A 55 31.87 11.89 0.83
C ASN A 55 30.42 11.45 0.57
N ILE A 56 29.63 11.41 1.64
CA ILE A 56 28.26 10.91 1.56
C ILE A 56 27.25 12.06 1.58
N PRO A 57 26.04 11.81 1.03
CA PRO A 57 24.95 12.78 1.05
C PRO A 57 24.36 13.01 2.44
N ALA A 58 23.94 14.24 2.73
CA ALA A 58 23.44 14.61 4.04
C ALA A 58 22.40 13.64 4.55
N GLU A 59 21.44 13.36 3.66
CA GLU A 59 20.36 12.42 3.89
C GLU A 59 20.80 11.18 4.64
N THR A 60 21.92 10.60 4.21
CA THR A 60 22.35 9.32 4.76
C THR A 60 23.11 9.47 6.08
N TYR A 61 23.76 10.62 6.29
CA TYR A 61 24.38 10.87 7.59
C TYR A 61 23.28 10.99 8.65
N VAL A 62 22.29 11.83 8.33
CA VAL A 62 21.08 11.94 9.13
C VAL A 62 20.41 10.58 9.37
N LEU A 63 20.22 9.85 8.28
CA LEU A 63 19.49 8.59 8.34
C LEU A 63 20.20 7.60 9.22
N ASN A 64 21.53 7.63 9.18
CA ASN A 64 22.34 6.70 9.95
C ASN A 64 22.34 6.99 11.43
N THR A 65 22.51 8.27 11.79
CA THR A 65 22.49 8.59 13.21
C THR A 65 21.11 8.21 13.74
N LEU A 66 20.06 8.49 12.96
CA LEU A 66 18.70 8.03 13.31
C LEU A 66 18.64 6.53 13.54
N GLN A 67 18.80 5.76 12.47
CA GLN A 67 18.82 4.30 12.51
C GLN A 67 19.67 3.73 13.65
N LYS A 68 20.58 4.54 14.18
CA LYS A 68 21.44 4.06 15.26
C LYS A 68 20.77 4.07 16.65
N ILE A 69 19.85 5.00 16.91
CA ILE A 69 19.25 5.10 18.26
C ILE A 69 18.48 3.82 18.68
N LYS A 70 18.50 3.53 19.98
CA LYS A 70 17.71 2.43 20.55
C LYS A 70 16.21 2.63 20.28
N PRO A 71 15.53 1.58 19.78
CA PRO A 71 14.09 1.63 19.51
C PRO A 71 13.29 2.35 20.60
N ALA A 72 13.49 1.93 21.84
CA ALA A 72 12.73 2.43 22.98
C ALA A 72 13.02 3.91 23.30
N SER A 73 14.28 4.28 23.32
CA SER A 73 14.64 5.65 23.65
C SER A 73 14.21 6.62 22.55
N LEU A 74 13.93 6.08 21.37
CA LEU A 74 13.62 6.87 20.16
C LEU A 74 12.44 7.81 20.37
N HIS A 75 11.51 7.34 21.20
CA HIS A 75 10.32 8.07 21.59
C HIS A 75 10.65 9.35 22.39
N ASP A 76 11.12 9.16 23.61
CA ASP A 76 11.43 10.27 24.50
C ASP A 76 12.48 11.18 23.87
N ALA A 77 13.41 10.59 23.14
CA ALA A 77 14.43 11.33 22.42
C ALA A 77 13.80 12.24 21.38
N LEU A 78 12.85 11.70 20.64
CA LEU A 78 12.10 12.54 19.72
C LEU A 78 11.43 13.69 20.48
N LEU A 79 10.80 13.38 21.61
CA LEU A 79 10.05 14.39 22.34
C LEU A 79 10.93 15.50 22.91
N VAL A 80 12.17 15.15 23.23
CA VAL A 80 13.04 16.05 24.00
C VAL A 80 13.65 17.16 23.14
N LEU A 81 13.57 16.96 21.83
CA LEU A 81 14.07 17.94 20.87
C LEU A 81 13.58 19.35 21.12
N PRO A 82 14.42 20.34 20.84
CA PRO A 82 13.87 21.69 20.73
C PRO A 82 13.05 21.78 19.45
N PHE A 83 12.04 22.63 19.43
CA PHE A 83 11.18 22.79 18.25
C PHE A 83 11.95 23.40 17.08
N SER A 84 13.00 24.15 17.38
CA SER A 84 13.82 24.78 16.35
C SER A 84 14.35 23.77 15.34
N THR A 85 14.50 22.52 15.78
CA THR A 85 15.01 21.45 14.93
C THR A 85 13.95 20.89 13.99
N ILE A 86 12.69 20.94 14.42
CA ILE A 86 11.58 20.24 13.76
C ILE A 86 11.50 20.41 12.24
N PRO A 87 11.41 21.65 11.72
CA PRO A 87 11.25 21.78 10.26
C PRO A 87 12.30 21.02 9.46
N SER A 88 13.57 21.18 9.84
CA SER A 88 14.66 20.41 9.25
C SER A 88 14.31 18.93 9.21
N LEU A 89 13.86 18.39 10.33
CA LEU A 89 13.47 17.00 10.40
C LEU A 89 12.46 16.64 9.30
N LEU A 90 11.40 17.42 9.18
CA LEU A 90 10.42 17.16 8.12
C LEU A 90 11.12 17.22 6.75
N THR A 91 11.98 18.23 6.58
CA THR A 91 12.72 18.37 5.32
C THR A 91 13.52 17.12 5.03
N PHE A 92 14.03 16.46 6.06
CA PHE A 92 14.77 15.22 5.83
C PHE A 92 13.84 14.03 5.65
N LEU A 93 12.74 14.05 6.39
CA LEU A 93 11.75 12.99 6.28
C LEU A 93 11.26 12.91 4.84
N ASN A 94 10.86 14.05 4.29
CA ASN A 94 10.52 14.16 2.87
C ASN A 94 11.54 13.42 2.03
N LEU A 95 12.81 13.71 2.29
CA LEU A 95 13.91 13.14 1.53
C LEU A 95 13.98 11.62 1.72
N PHE A 96 13.79 11.15 2.95
CA PHE A 96 13.73 9.72 3.21
C PHE A 96 12.64 9.05 2.40
N ALA A 97 11.58 9.78 2.14
CA ALA A 97 10.49 9.25 1.35
C ALA A 97 10.85 9.32 -0.12
N GLN A 98 11.48 10.43 -0.51
CA GLN A 98 11.74 10.69 -1.91
C GLN A 98 12.63 9.60 -2.49
N ARG A 99 13.46 9.02 -1.63
CA ARG A 99 14.37 7.96 -2.04
C ARG A 99 14.07 6.63 -1.34
N GLU A 100 12.91 6.56 -0.68
CA GLU A 100 12.44 5.32 -0.04
C GLU A 100 13.44 4.74 0.96
N LEU A 101 14.15 5.64 1.63
CA LEU A 101 15.11 5.27 2.65
C LEU A 101 14.41 4.85 3.93
N ASN A 102 14.61 3.57 4.28
CA ASN A 102 14.04 2.96 5.48
C ASN A 102 12.65 3.46 5.79
N VAL A 103 11.69 3.03 4.98
CA VAL A 103 10.31 3.48 5.12
C VAL A 103 9.70 3.23 6.51
N PRO A 104 9.75 1.99 7.04
CA PRO A 104 9.07 1.84 8.33
C PRO A 104 9.64 2.75 9.44
N LEU A 105 10.95 2.97 9.41
CA LEU A 105 11.57 3.86 10.37
C LEU A 105 11.16 5.31 10.14
N THR A 106 11.20 5.78 8.89
CA THR A 106 10.89 7.18 8.67
C THR A 106 9.42 7.44 9.02
N CYS A 107 8.58 6.42 8.82
CA CYS A 107 7.21 6.44 9.30
C CYS A 107 7.12 6.58 10.80
N ARG A 108 7.50 5.52 11.51
CA ARG A 108 7.47 5.50 12.96
C ARG A 108 7.90 6.83 13.57
N ILE A 109 9.03 7.35 13.10
CA ILE A 109 9.44 8.64 13.63
C ILE A 109 8.45 9.74 13.20
N LEU A 110 7.92 9.69 11.97
CA LEU A 110 6.99 10.73 11.52
C LEU A 110 5.71 10.80 12.35
N PHE A 111 5.18 9.63 12.69
CA PHE A 111 4.05 9.54 13.61
C PHE A 111 4.40 10.11 14.98
N PHE A 112 5.50 9.64 15.57
CA PHE A 112 5.95 10.21 16.84
C PHE A 112 5.97 11.74 16.80
N VAL A 113 6.43 12.31 15.68
CA VAL A 113 6.47 13.77 15.53
C VAL A 113 5.09 14.39 15.49
N LEU A 114 4.24 13.86 14.62
CA LEU A 114 2.91 14.43 14.41
C LEU A 114 2.02 14.35 15.65
N LYS A 115 2.15 13.23 16.37
CA LYS A 115 1.39 12.95 17.59
C LYS A 115 1.67 13.99 18.66
N THR A 116 2.81 14.66 18.58
CA THR A 116 3.22 15.57 19.62
C THR A 116 3.29 17.03 19.18
N HIS A 117 3.04 17.29 17.90
CA HIS A 117 3.27 18.62 17.36
C HIS A 117 2.20 19.11 16.39
N HIS A 118 1.04 18.42 16.36
CA HIS A 118 -0.15 18.85 15.61
C HIS A 118 -0.15 20.32 15.17
N LYS A 119 -0.60 21.13 16.12
CA LYS A 119 -0.81 22.55 15.95
C LYS A 119 0.43 23.28 15.44
N GLN A 120 1.58 22.99 16.03
CA GLN A 120 2.82 23.64 15.63
C GLN A 120 3.10 23.45 14.14
N ILE A 121 3.00 22.21 13.68
CA ILE A 121 3.23 21.92 12.28
C ILE A 121 2.20 22.62 11.41
N VAL A 122 0.91 22.43 11.74
CA VAL A 122 -0.16 22.97 10.90
C VAL A 122 -0.22 24.50 10.92
N ALA A 123 0.56 25.11 11.81
CA ALA A 123 0.63 26.57 11.90
C ALA A 123 1.33 27.13 10.69
N SER A 124 2.66 27.06 10.71
CA SER A 124 3.50 27.68 9.69
C SER A 124 3.31 27.02 8.33
N ARG A 125 3.04 27.85 7.33
CA ARG A 125 2.72 27.40 5.98
C ARG A 125 3.88 26.61 5.35
N THR A 126 5.09 26.99 5.71
CA THR A 126 6.30 26.30 5.24
C THR A 126 6.34 24.82 5.69
N MET A 127 6.15 24.60 6.99
CA MET A 127 6.14 23.24 7.51
C MET A 127 5.02 22.40 6.93
N ARG A 128 3.86 23.01 6.71
CA ARG A 128 2.75 22.31 6.10
C ARG A 128 3.09 21.94 4.67
N ALA A 129 3.84 22.79 3.98
CA ALA A 129 4.24 22.50 2.61
C ALA A 129 5.19 21.31 2.58
N THR A 130 6.17 21.30 3.49
CA THR A 130 7.08 20.17 3.54
C THR A 130 6.30 18.90 3.94
N LEU A 131 5.28 19.09 4.77
CA LEU A 131 4.45 17.97 5.21
C LEU A 131 3.61 17.42 4.06
N GLU A 132 3.19 18.29 3.16
CA GLU A 132 2.48 17.84 1.97
C GLU A 132 3.45 17.05 1.09
N LYS A 133 4.68 17.55 0.97
CA LYS A 133 5.73 16.80 0.26
C LYS A 133 5.89 15.38 0.83
N VAL A 134 6.20 15.24 2.13
CA VAL A 134 6.35 13.90 2.71
C VAL A 134 5.08 13.09 2.53
N ARG A 135 3.93 13.75 2.60
CA ARG A 135 2.68 13.02 2.40
C ARG A 135 2.71 12.34 1.05
N ALA A 136 2.89 13.14 0.01
CA ALA A 136 2.94 12.63 -1.35
C ALA A 136 3.95 11.50 -1.50
N ASN A 137 5.20 11.81 -1.16
CA ASN A 137 6.29 10.87 -1.43
C ASN A 137 6.20 9.58 -0.63
N LEU A 138 5.84 9.69 0.64
CA LEU A 138 5.68 8.51 1.48
C LEU A 138 4.50 7.67 1.01
N ARG A 139 3.45 8.35 0.55
CA ARG A 139 2.29 7.61 0.02
C ARG A 139 2.69 6.86 -1.25
N ALA A 140 3.43 7.53 -2.12
CA ALA A 140 3.85 6.94 -3.39
C ALA A 140 4.78 5.76 -3.14
N ALA A 141 5.67 5.93 -2.18
CA ALA A 141 6.63 4.90 -1.79
C ALA A 141 5.90 3.66 -1.28
N LEU A 142 4.98 3.86 -0.34
CA LEU A 142 4.24 2.74 0.21
C LEU A 142 3.45 2.04 -0.88
N ARG A 143 2.81 2.83 -1.74
CA ARG A 143 2.10 2.28 -2.90
C ARG A 143 2.96 1.31 -3.68
N ARG A 144 4.08 1.82 -4.19
CA ARG A 144 4.98 1.04 -5.04
C ARG A 144 5.48 -0.23 -4.34
N GLN A 145 5.93 -0.10 -3.10
CA GLN A 145 6.46 -1.27 -2.43
C GLN A 145 5.35 -2.26 -2.05
N LYS A 146 4.12 -1.79 -2.01
CA LYS A 146 2.96 -2.67 -1.81
C LYS A 146 2.70 -3.50 -3.07
N ASP A 147 2.35 -2.79 -4.14
CA ASP A 147 2.07 -3.40 -5.44
C ASP A 147 3.17 -4.37 -5.84
N GLU A 148 4.42 -4.02 -5.56
CA GLU A 148 5.53 -4.92 -5.83
C GLU A 148 5.32 -6.28 -5.18
N MET A 149 5.11 -6.29 -3.88
CA MET A 149 4.96 -7.56 -3.16
C MET A 149 3.68 -8.26 -3.56
N GLY A 150 2.71 -7.48 -4.05
CA GLY A 150 1.47 -8.08 -4.52
C GLY A 150 1.72 -8.91 -5.76
N PHE A 151 2.34 -8.29 -6.76
CA PHE A 151 2.76 -8.98 -7.97
C PHE A 151 3.66 -10.18 -7.63
N ASN A 152 4.55 -9.97 -6.67
CA ASN A 152 5.45 -11.02 -6.24
C ASN A 152 4.69 -12.22 -5.69
N ILE A 153 3.65 -11.93 -4.92
CA ILE A 153 2.91 -12.97 -4.24
C ILE A 153 1.92 -13.64 -5.20
N ALA A 154 1.48 -12.89 -6.22
CA ALA A 154 0.70 -13.44 -7.32
C ALA A 154 1.52 -14.48 -8.07
N ALA A 155 2.72 -14.08 -8.50
CA ALA A 155 3.60 -14.99 -9.24
C ALA A 155 4.01 -16.20 -8.42
N LEU A 156 4.25 -15.98 -7.12
CA LEU A 156 4.59 -17.07 -6.22
C LEU A 156 3.44 -18.07 -6.05
N LYS A 157 2.22 -17.54 -5.93
CA LYS A 157 1.03 -18.38 -5.86
C LYS A 157 0.84 -19.16 -7.16
N VAL A 158 1.15 -18.53 -8.30
CA VAL A 158 0.97 -19.16 -9.61
C VAL A 158 2.00 -20.26 -9.90
N VAL A 159 3.24 -20.07 -9.45
CA VAL A 159 4.23 -21.14 -9.62
C VAL A 159 4.01 -22.23 -8.58
N SER A 160 3.48 -21.87 -7.41
CA SER A 160 3.15 -22.87 -6.40
C SER A 160 1.94 -23.74 -6.83
N MET A 161 0.98 -23.12 -7.52
CA MET A 161 -0.13 -23.83 -8.17
C MET A 161 0.38 -24.69 -9.34
N GLN A 162 1.32 -24.13 -10.10
CA GLN A 162 1.86 -24.79 -11.30
C GLN A 162 2.64 -26.07 -10.96
N LEU A 163 3.31 -26.07 -9.81
CA LEU A 163 4.10 -27.20 -9.36
C LEU A 163 3.20 -28.38 -8.96
N THR B 7 30.48 -5.83 -33.13
CA THR B 7 29.89 -5.43 -31.86
C THR B 7 30.79 -5.84 -30.68
N LEU B 8 32.10 -5.99 -30.93
CA LEU B 8 33.03 -6.41 -29.87
C LEU B 8 33.05 -5.41 -28.72
N GLU B 9 32.96 -4.14 -29.07
CA GLU B 9 32.87 -3.07 -28.08
C GLU B 9 31.66 -3.31 -27.19
N ASN B 10 30.55 -3.72 -27.79
CA ASN B 10 29.34 -4.03 -27.03
C ASN B 10 29.52 -5.16 -26.04
N TYR B 11 30.22 -6.22 -26.45
CA TYR B 11 30.54 -7.30 -25.53
C TYR B 11 31.36 -6.74 -24.38
N ILE B 12 32.25 -5.80 -24.71
CA ILE B 12 33.15 -5.29 -23.68
C ILE B 12 32.42 -4.45 -22.65
N HIS B 13 31.59 -3.52 -23.11
CA HIS B 13 30.83 -2.65 -22.21
C HIS B 13 29.78 -3.41 -21.43
N ALA B 14 29.04 -4.29 -22.10
CA ALA B 14 27.93 -5.00 -21.47
C ALA B 14 28.40 -6.18 -20.60
N GLY B 15 29.43 -6.87 -21.04
CA GLY B 15 29.89 -8.07 -20.36
C GLY B 15 30.51 -7.78 -19.01
N ALA B 16 30.77 -6.50 -18.75
CA ALA B 16 31.36 -6.06 -17.48
C ALA B 16 30.50 -6.44 -16.26
N TYR B 17 29.29 -5.87 -16.20
CA TYR B 17 28.38 -6.12 -15.09
C TYR B 17 27.90 -7.57 -15.06
N ARG B 18 27.70 -8.17 -16.24
CA ARG B 18 27.39 -9.60 -16.31
C ARG B 18 28.42 -10.41 -15.55
N ASP B 19 29.69 -10.26 -15.95
CA ASP B 19 30.81 -10.98 -15.33
C ASP B 19 30.88 -10.68 -13.83
N ALA B 20 30.60 -9.44 -13.48
CA ALA B 20 30.60 -9.02 -12.07
C ALA B 20 29.57 -9.76 -11.22
N ILE B 21 28.31 -9.70 -11.65
CA ILE B 21 27.23 -10.35 -10.93
C ILE B 21 27.48 -11.85 -10.89
N VAL B 22 27.70 -12.46 -12.05
CA VAL B 22 27.92 -13.90 -12.13
C VAL B 22 29.02 -14.36 -11.17
N LEU B 23 30.10 -13.59 -11.11
CA LEU B 23 31.14 -13.86 -10.14
C LEU B 23 30.59 -13.77 -8.71
N ALA B 24 29.73 -12.79 -8.45
CA ALA B 24 29.17 -12.64 -7.11
C ALA B 24 28.37 -13.88 -6.72
N LEU B 25 27.54 -14.36 -7.63
CA LEU B 25 26.68 -15.51 -7.39
C LEU B 25 27.46 -16.80 -7.24
N GLN B 26 28.54 -16.94 -8.00
CA GLN B 26 29.41 -18.08 -7.85
C GLN B 26 29.89 -18.13 -6.40
N LEU B 27 30.29 -16.97 -5.89
CA LEU B 27 30.72 -16.85 -4.50
C LEU B 27 29.61 -17.22 -3.52
N ASN B 28 29.88 -18.24 -2.71
CA ASN B 28 28.99 -18.58 -1.62
C ASN B 28 29.39 -17.81 -0.35
N HIS B 29 30.34 -16.90 -0.51
CA HIS B 29 30.72 -15.93 0.53
C HIS B 29 29.51 -15.01 0.82
N PRO B 30 29.52 -14.30 1.98
CA PRO B 30 28.44 -13.35 2.31
C PRO B 30 28.07 -12.46 1.12
N GLY B 31 29.08 -12.00 0.39
CA GLY B 31 28.86 -11.43 -0.91
C GLY B 31 28.44 -9.97 -0.92
N ARG B 32 29.15 -9.20 -1.73
CA ARG B 32 28.77 -7.82 -2.02
C ARG B 32 27.68 -7.82 -3.09
N LEU B 33 27.23 -9.02 -3.49
CA LEU B 33 26.14 -9.17 -4.45
C LEU B 33 24.96 -8.34 -4.00
N LEU B 34 24.63 -8.50 -2.72
CA LEU B 34 23.65 -7.66 -2.05
C LEU B 34 23.92 -6.20 -2.32
N ASN B 35 25.18 -5.79 -2.15
CA ASN B 35 25.60 -4.40 -2.28
C ASN B 35 25.64 -3.92 -3.72
N LEU B 36 25.90 -4.83 -4.65
CA LEU B 36 25.86 -4.48 -6.06
C LEU B 36 24.44 -4.15 -6.48
N PHE B 37 23.56 -5.08 -6.12
CA PHE B 37 22.14 -4.91 -6.40
C PHE B 37 21.65 -3.64 -5.76
N THR B 38 21.90 -3.54 -4.47
CA THR B 38 21.52 -2.41 -3.67
C THR B 38 21.96 -1.09 -4.29
N ASN B 39 23.23 -1.01 -4.68
CA ASN B 39 23.73 0.20 -5.29
C ASN B 39 23.01 0.50 -6.60
N VAL B 40 22.68 -0.55 -7.36
CA VAL B 40 22.15 -0.32 -8.69
C VAL B 40 20.62 -0.10 -8.72
N VAL B 41 19.92 -0.50 -7.66
CA VAL B 41 18.45 -0.37 -7.59
C VAL B 41 17.98 0.94 -6.96
N THR B 42 18.92 1.67 -6.37
CA THR B 42 18.58 2.95 -5.74
C THR B 42 19.47 4.04 -6.30
N THR B 43 19.93 3.84 -7.53
CA THR B 43 20.74 4.84 -8.23
C THR B 43 20.00 6.16 -8.33
N ARG B 44 20.58 7.22 -7.77
CA ARG B 44 19.93 8.52 -7.65
C ARG B 44 19.35 9.05 -8.96
N ASN B 45 19.83 8.51 -10.08
CA ASN B 45 19.20 8.76 -11.36
C ASN B 45 18.61 7.47 -11.92
N PRO B 46 17.27 7.39 -11.94
CA PRO B 46 16.54 6.16 -12.25
C PRO B 46 16.31 5.96 -13.74
N ASP B 47 17.00 6.72 -14.58
CA ASP B 47 16.81 6.65 -16.03
C ASP B 47 17.54 5.44 -16.64
N PRO B 48 16.85 4.70 -17.54
CA PRO B 48 15.46 4.90 -17.97
C PRO B 48 14.44 4.22 -17.04
N ASP B 49 13.16 4.42 -17.34
CA ASP B 49 12.12 3.92 -16.47
C ASP B 49 11.76 2.46 -16.79
N SER B 50 12.28 1.56 -15.97
CA SER B 50 12.02 0.14 -16.12
C SER B 50 12.23 -0.61 -14.81
N LEU B 51 12.46 -1.91 -14.90
CA LEU B 51 12.44 -2.82 -13.76
C LEU B 51 13.44 -2.49 -12.65
N THR B 52 14.63 -2.04 -13.02
CA THR B 52 15.66 -1.74 -12.02
C THR B 52 16.17 -0.32 -12.21
N GLY B 53 15.66 0.36 -13.24
CA GLY B 53 16.09 1.70 -13.54
C GLY B 53 17.25 1.66 -14.50
N LEU B 54 18.14 0.68 -14.31
CA LEU B 54 19.17 0.42 -15.31
C LEU B 54 18.70 -0.77 -16.15
N LYS B 55 18.34 -0.49 -17.40
CA LYS B 55 17.90 -1.52 -18.33
C LYS B 55 18.89 -2.68 -18.35
N ALA B 56 20.18 -2.34 -18.30
CA ALA B 56 21.25 -3.32 -18.31
C ALA B 56 21.07 -4.39 -17.24
N VAL B 57 20.46 -4.01 -16.11
CA VAL B 57 20.25 -4.93 -15.02
C VAL B 57 19.15 -5.92 -15.35
N ASP B 58 18.07 -5.43 -15.96
CA ASP B 58 17.02 -6.33 -16.44
C ASP B 58 17.64 -7.31 -17.42
N ASP B 59 18.47 -6.78 -18.31
CA ASP B 59 19.08 -7.57 -19.37
C ASP B 59 19.96 -8.71 -18.85
N VAL B 60 20.90 -8.39 -17.96
CA VAL B 60 21.73 -9.44 -17.36
C VAL B 60 20.87 -10.36 -16.50
N LEU B 61 19.74 -9.85 -16.02
CA LEU B 61 18.83 -10.70 -15.28
C LEU B 61 18.20 -11.74 -16.19
N ALA B 62 17.93 -11.34 -17.42
CA ALA B 62 17.27 -12.21 -18.39
C ALA B 62 18.19 -13.33 -18.89
N LYS B 63 19.42 -12.98 -19.26
CA LYS B 63 20.38 -13.97 -19.76
C LYS B 63 20.73 -15.04 -18.72
N LEU B 64 20.15 -14.92 -17.53
CA LEU B 64 20.54 -15.70 -16.35
C LEU B 64 20.68 -17.21 -16.57
N SER B 65 21.79 -17.74 -16.08
CA SER B 65 22.00 -19.17 -15.97
C SER B 65 21.03 -19.74 -14.94
N ASP B 66 20.36 -20.83 -15.27
CA ASP B 66 19.24 -21.30 -14.47
C ASP B 66 19.63 -21.78 -13.07
N GLU B 67 20.74 -22.52 -12.97
CA GLU B 67 21.22 -22.97 -11.65
C GLU B 67 21.61 -21.76 -10.80
N GLN B 68 21.98 -20.68 -11.50
CA GLN B 68 22.31 -19.41 -10.86
C GLN B 68 21.04 -18.63 -10.50
N ILE B 69 19.96 -18.80 -11.28
CA ILE B 69 18.67 -18.25 -10.89
C ILE B 69 18.28 -18.88 -9.57
N PHE B 70 18.40 -20.21 -9.50
CA PHE B 70 18.17 -20.92 -8.24
C PHE B 70 19.07 -20.40 -7.11
N GLN B 71 20.35 -20.20 -7.38
CA GLN B 71 21.26 -19.73 -6.33
C GLN B 71 20.88 -18.35 -5.83
N LEU B 72 20.44 -17.53 -6.77
CA LEU B 72 19.92 -16.19 -6.51
C LEU B 72 18.68 -16.23 -5.61
N LEU B 73 17.76 -17.15 -5.88
CA LEU B 73 16.60 -17.30 -5.01
C LEU B 73 17.01 -17.78 -3.61
N LEU B 74 17.97 -18.70 -3.58
CA LEU B 74 18.44 -19.27 -2.33
C LEU B 74 18.98 -18.17 -1.44
N ARG B 75 19.68 -17.21 -2.05
CA ARG B 75 20.16 -16.06 -1.29
C ARG B 75 19.04 -15.04 -1.01
N LEU B 76 18.11 -14.89 -1.96
CA LEU B 76 16.99 -13.97 -1.82
C LEU B 76 16.17 -14.28 -0.59
N ARG B 77 15.91 -15.57 -0.36
CA ARG B 77 15.13 -15.99 0.78
C ARG B 77 15.87 -15.64 2.08
N ASP B 78 17.19 -15.58 2.01
CA ASP B 78 18.01 -15.20 3.16
C ASP B 78 17.96 -13.69 3.39
N TRP B 79 17.88 -12.94 2.29
CA TRP B 79 17.79 -11.49 2.38
C TRP B 79 16.40 -11.04 2.80
N ASN B 80 15.46 -11.97 2.88
CA ASN B 80 14.12 -11.60 3.24
C ASN B 80 13.89 -11.68 4.74
N THR B 81 14.79 -12.37 5.44
CA THR B 81 14.68 -12.51 6.88
C THR B 81 14.94 -11.18 7.59
N ASN B 82 15.90 -10.41 7.10
CA ASN B 82 16.16 -9.10 7.68
C ASN B 82 15.30 -8.03 7.01
N ALA B 83 14.76 -7.12 7.82
CA ALA B 83 13.92 -6.04 7.31
C ALA B 83 14.75 -5.14 6.41
N ARG B 84 16.01 -4.94 6.79
CA ARG B 84 16.93 -4.04 6.11
C ARG B 84 17.21 -4.44 4.67
N THR B 85 17.60 -5.70 4.50
CA THR B 85 17.92 -6.22 3.18
C THR B 85 16.67 -6.62 2.41
N ALA B 86 15.55 -6.74 3.12
CA ALA B 86 14.31 -7.19 2.51
C ALA B 86 13.93 -6.47 1.21
N PRO B 87 13.84 -5.12 1.22
CA PRO B 87 13.20 -4.45 0.08
C PRO B 87 13.91 -4.66 -1.26
N VAL B 88 15.24 -4.58 -1.25
CA VAL B 88 15.99 -4.81 -2.47
C VAL B 88 15.72 -6.22 -3.00
N ALA B 89 15.67 -7.20 -2.09
CA ALA B 89 15.24 -8.54 -2.44
C ALA B 89 13.87 -8.51 -3.15
N GLN B 90 12.90 -7.79 -2.58
CA GLN B 90 11.57 -7.73 -3.19
C GLN B 90 11.60 -7.15 -4.60
N ARG B 91 12.49 -6.18 -4.84
CA ARG B 91 12.55 -5.54 -6.15
C ARG B 91 13.24 -6.41 -7.20
N VAL B 92 14.27 -7.16 -6.80
CA VAL B 92 14.89 -8.06 -7.77
C VAL B 92 13.99 -9.26 -8.04
N LEU B 93 13.30 -9.71 -6.99
CA LEU B 93 12.31 -10.76 -7.14
C LEU B 93 11.30 -10.31 -8.16
N TRP B 94 10.90 -9.05 -8.03
CA TRP B 94 9.93 -8.45 -8.94
C TRP B 94 10.40 -8.38 -10.39
N ALA B 95 11.65 -7.95 -10.59
CA ALA B 95 12.22 -7.87 -11.93
C ALA B 95 12.34 -9.25 -12.55
N LEU B 96 12.74 -10.19 -11.70
CA LEU B 96 12.88 -11.59 -12.06
C LEU B 96 11.57 -12.18 -12.57
N PHE B 97 10.53 -12.10 -11.74
CA PHE B 97 9.22 -12.64 -12.06
C PHE B 97 8.53 -11.95 -13.20
N LYS B 98 8.85 -10.67 -13.40
CA LYS B 98 8.22 -9.97 -14.51
C LYS B 98 8.94 -10.27 -15.84
N SER B 99 10.24 -10.50 -15.81
CA SER B 99 10.97 -10.78 -17.05
C SER B 99 10.90 -12.26 -17.48
N HIS B 100 10.44 -13.14 -16.59
CA HIS B 100 10.34 -14.57 -16.88
C HIS B 100 8.92 -15.13 -16.72
N PRO B 101 8.36 -15.74 -17.77
CA PRO B 101 7.09 -16.45 -17.61
C PRO B 101 7.26 -17.66 -16.67
N ALA B 102 6.15 -18.10 -16.08
CA ALA B 102 6.18 -19.07 -14.99
C ALA B 102 6.75 -20.45 -15.35
N ASN B 103 6.57 -20.85 -16.61
CA ASN B 103 6.92 -22.21 -17.05
C ASN B 103 8.39 -22.57 -16.91
N LYS B 104 9.26 -21.67 -17.34
CA LYS B 104 10.69 -21.83 -17.17
C LYS B 104 11.01 -21.97 -15.69
N LEU B 105 10.22 -21.28 -14.87
CA LEU B 105 10.46 -21.14 -13.44
C LEU B 105 9.88 -22.31 -12.63
N SER B 106 8.80 -22.91 -13.13
CA SER B 106 8.21 -24.10 -12.52
C SER B 106 9.20 -25.26 -12.51
N SER B 107 10.01 -25.37 -13.56
CA SER B 107 11.00 -26.44 -13.68
C SER B 107 12.20 -26.23 -12.73
N LEU B 108 13.05 -27.25 -12.66
CA LEU B 108 14.15 -27.26 -11.72
C LEU B 108 15.50 -27.41 -12.43
N SER B 109 16.57 -27.43 -11.65
CA SER B 109 17.90 -27.75 -12.16
C SER B 109 18.91 -28.05 -11.04
N SER B 118 14.05 -29.56 -4.55
CA SER B 118 14.40 -28.69 -3.42
C SER B 118 13.90 -27.27 -3.65
N LEU B 119 13.19 -27.08 -4.76
CA LEU B 119 12.72 -25.75 -5.14
C LEU B 119 11.60 -25.23 -4.25
N ASN B 120 10.67 -26.12 -3.95
CA ASN B 120 9.46 -25.72 -3.26
C ASN B 120 9.68 -25.19 -1.84
N GLU B 121 10.60 -25.77 -1.08
CA GLU B 121 10.86 -25.32 0.30
C GLU B 121 11.39 -23.88 0.34
N VAL B 122 12.38 -23.60 -0.51
CA VAL B 122 12.89 -22.25 -0.70
C VAL B 122 11.77 -21.30 -1.14
N LEU B 123 11.00 -21.73 -2.15
CA LEU B 123 9.87 -20.95 -2.64
C LEU B 123 8.85 -20.60 -1.56
N ASP B 124 8.70 -21.51 -0.60
CA ASP B 124 7.74 -21.32 0.49
C ASP B 124 8.29 -20.43 1.60
N ALA B 125 9.61 -20.48 1.82
CA ALA B 125 10.24 -19.52 2.75
C ALA B 125 10.04 -18.10 2.19
N ILE B 126 10.32 -17.99 0.90
CA ILE B 126 10.13 -16.75 0.16
C ILE B 126 8.69 -16.26 0.28
N LYS B 127 7.74 -17.12 -0.09
CA LYS B 127 6.30 -16.80 -0.02
C LYS B 127 5.84 -16.36 1.36
N VAL B 128 6.19 -17.16 2.37
CA VAL B 128 5.86 -16.85 3.77
C VAL B 128 6.34 -15.47 4.18
N TYR B 129 7.65 -15.23 4.00
CA TYR B 129 8.23 -13.99 4.49
C TYR B 129 7.73 -12.78 3.70
N THR B 130 7.52 -12.97 2.40
CA THR B 130 6.91 -11.94 1.56
C THR B 130 5.52 -11.59 2.08
N GLU B 131 4.74 -12.61 2.44
CA GLU B 131 3.43 -12.35 2.99
C GLU B 131 3.56 -11.53 4.29
N ARG B 132 4.46 -11.94 5.17
CA ARG B 132 4.68 -11.21 6.42
C ARG B 132 4.91 -9.72 6.15
N HIS B 133 5.89 -9.41 5.30
CA HIS B 133 6.16 -8.00 4.99
C HIS B 133 4.97 -7.31 4.31
N TYR B 134 4.11 -8.08 3.63
CA TYR B 134 2.89 -7.51 3.05
C TYR B 134 1.96 -7.02 4.13
N LYS B 135 1.68 -7.88 5.11
CA LYS B 135 0.87 -7.49 6.25
C LYS B 135 1.45 -6.24 6.90
N ARG B 136 2.75 -6.30 7.19
CA ARG B 136 3.47 -5.17 7.79
C ARG B 136 3.24 -3.85 7.05
N ILE B 137 3.48 -3.85 5.74
CA ILE B 137 3.37 -2.61 4.97
C ILE B 137 1.91 -2.14 4.88
N GLU B 138 0.97 -3.06 4.72
CA GLU B 138 -0.44 -2.67 4.69
C GLU B 138 -0.80 -1.90 5.96
N GLU B 139 -0.53 -2.54 7.10
CA GLU B 139 -0.71 -1.87 8.40
C GLU B 139 -0.09 -0.49 8.39
N LEU B 140 1.10 -0.37 7.81
CA LEU B 140 1.75 0.93 7.74
C LEU B 140 1.02 1.92 6.85
N VAL B 141 0.25 1.47 5.87
CA VAL B 141 -0.53 2.42 5.08
C VAL B 141 -1.68 2.93 5.94
N ASP B 142 -2.37 1.97 6.57
CA ASP B 142 -3.44 2.31 7.51
C ASP B 142 -2.95 3.36 8.50
N GLU B 143 -1.86 3.09 9.23
CA GLU B 143 -1.29 4.10 10.13
C GLU B 143 -0.98 5.42 9.41
N SER B 144 -0.29 5.32 8.27
CA SER B 144 0.11 6.47 7.45
C SER B 144 -0.98 7.48 7.15
N TYR B 145 -2.25 7.03 7.14
CA TYR B 145 -3.35 7.97 6.93
C TYR B 145 -3.46 9.01 8.05
N LEU B 146 -2.79 8.73 9.17
CA LEU B 146 -2.66 9.69 10.27
C LEU B 146 -2.24 11.04 9.73
N VAL B 147 -1.30 11.02 8.78
CA VAL B 147 -0.86 12.24 8.13
C VAL B 147 -2.00 12.96 7.45
N GLU B 148 -2.83 12.18 6.76
CA GLU B 148 -3.96 12.70 6.01
C GLU B 148 -4.90 13.45 6.95
N TYR B 149 -5.21 12.84 8.09
CA TYR B 149 -6.03 13.55 9.07
C TYR B 149 -5.28 14.78 9.59
N THR B 150 -4.10 14.61 10.16
CA THR B 150 -3.38 15.72 10.82
C THR B 150 -3.35 16.95 9.97
N LEU B 151 -3.03 16.75 8.70
CA LEU B 151 -3.10 17.80 7.73
C LEU B 151 -4.53 18.37 7.66
N ARG B 152 -5.51 17.56 7.27
CA ARG B 152 -6.91 18.02 7.26
C ARG B 152 -7.89 16.98 7.82
N LYS C 95 -25.24 -14.03 6.59
CA LYS C 95 -26.19 -14.92 5.93
C LYS C 95 -25.85 -15.13 4.44
N LYS C 96 -26.18 -14.16 3.59
CA LYS C 96 -25.74 -14.19 2.20
C LYS C 96 -24.22 -14.07 2.18
N GLU C 97 -23.68 -13.30 3.13
CA GLU C 97 -22.24 -13.14 3.31
C GLU C 97 -21.61 -14.33 4.06
N LYS C 98 -22.43 -15.34 4.36
CA LYS C 98 -21.95 -16.61 4.88
C LYS C 98 -21.83 -17.63 3.75
N ALA C 99 -22.81 -17.62 2.84
CA ALA C 99 -22.72 -18.44 1.63
C ALA C 99 -21.63 -17.93 0.67
N ALA C 100 -21.38 -16.61 0.69
CA ALA C 100 -20.31 -16.02 -0.12
C ALA C 100 -18.96 -16.56 0.31
N ALA C 101 -18.79 -16.71 1.63
CA ALA C 101 -17.57 -17.31 2.19
C ALA C 101 -17.63 -18.83 2.15
N ASN C 102 -18.78 -19.37 1.75
CA ASN C 102 -18.90 -20.82 1.50
C ASN C 102 -18.47 -21.21 0.08
N GLY C 103 -18.70 -20.33 -0.90
CA GLY C 103 -18.33 -20.62 -2.28
C GLY C 103 -16.81 -20.66 -2.46
N ALA C 104 -16.10 -19.81 -1.70
CA ALA C 104 -14.65 -19.67 -1.84
C ALA C 104 -13.89 -20.79 -1.12
N SER C 105 -14.58 -21.49 -0.21
CA SER C 105 -14.02 -22.66 0.44
C SER C 105 -14.07 -23.86 -0.51
N ARG C 106 -15.24 -24.06 -1.11
CA ARG C 106 -15.46 -25.17 -2.04
C ARG C 106 -14.66 -25.00 -3.32
N THR C 118 -31.91 -22.83 -17.99
CA THR C 118 -31.48 -21.98 -19.09
C THR C 118 -30.51 -20.89 -18.60
N PHE C 119 -29.36 -21.30 -18.06
CA PHE C 119 -28.36 -20.40 -17.45
C PHE C 119 -27.47 -19.68 -18.47
N THR C 120 -26.71 -20.47 -19.22
CA THR C 120 -25.84 -19.96 -20.27
C THR C 120 -26.69 -19.25 -21.31
N SER C 121 -27.96 -19.63 -21.38
CA SER C 121 -28.96 -18.95 -22.19
C SER C 121 -29.06 -17.47 -21.84
N LYS C 122 -29.45 -17.19 -20.61
CA LYS C 122 -29.63 -15.81 -20.17
C LYS C 122 -28.31 -15.04 -20.18
N LEU C 123 -27.23 -15.70 -19.78
CA LEU C 123 -25.93 -15.01 -19.79
C LEU C 123 -25.52 -14.62 -21.21
N LEU C 124 -25.73 -15.50 -22.18
CA LEU C 124 -25.38 -15.17 -23.56
C LEU C 124 -26.35 -14.16 -24.17
N VAL C 125 -27.60 -14.17 -23.70
CA VAL C 125 -28.60 -13.18 -24.12
C VAL C 125 -28.15 -11.80 -23.67
N GLY C 126 -27.45 -11.76 -22.54
CA GLY C 126 -26.81 -10.55 -22.07
C GLY C 126 -25.90 -9.88 -23.10
N GLY C 127 -25.28 -10.67 -23.97
CA GLY C 127 -24.43 -10.13 -25.02
C GLY C 127 -25.23 -9.31 -26.01
N ALA C 128 -26.43 -9.78 -26.32
CA ALA C 128 -27.35 -9.03 -27.16
C ALA C 128 -27.78 -7.77 -26.42
N LYS C 129 -28.06 -7.93 -25.13
CA LYS C 129 -28.50 -6.82 -24.28
C LYS C 129 -27.27 -6.09 -23.69
N GLY C 130 -27.49 -5.25 -22.69
CA GLY C 130 -26.40 -4.53 -22.04
C GLY C 130 -26.40 -4.81 -20.55
N ASP C 131 -27.50 -5.38 -20.08
CA ASP C 131 -27.69 -5.68 -18.67
C ASP C 131 -27.73 -7.19 -18.43
N TYR C 132 -26.66 -7.73 -17.86
CA TYR C 132 -26.56 -9.14 -17.49
C TYR C 132 -27.32 -9.40 -16.18
N THR C 133 -28.27 -8.53 -15.87
CA THR C 133 -28.98 -8.52 -14.61
C THR C 133 -29.64 -9.85 -14.25
N ASP C 134 -30.44 -10.37 -15.18
CA ASP C 134 -31.08 -11.69 -15.03
C ASP C 134 -30.00 -12.69 -14.61
N PHE C 135 -28.94 -12.75 -15.39
CA PHE C 135 -27.84 -13.65 -15.15
C PHE C 135 -27.24 -13.48 -13.75
N ILE C 136 -27.06 -12.23 -13.34
CA ILE C 136 -26.58 -11.92 -12.00
C ILE C 136 -27.47 -12.54 -10.93
N GLU C 137 -28.78 -12.43 -11.11
CA GLU C 137 -29.71 -13.08 -10.18
C GLU C 137 -29.59 -14.61 -10.21
N HIS C 138 -29.44 -15.17 -11.41
CA HIS C 138 -29.21 -16.62 -11.57
C HIS C 138 -28.06 -17.07 -10.69
N LEU C 139 -26.95 -16.34 -10.80
CA LEU C 139 -25.76 -16.63 -10.01
C LEU C 139 -26.02 -16.46 -8.53
N LYS C 140 -26.79 -15.43 -8.19
CA LYS C 140 -27.13 -15.16 -6.80
C LYS C 140 -27.96 -16.29 -6.21
N ALA C 141 -28.61 -17.06 -7.08
CA ALA C 141 -29.40 -18.21 -6.63
C ALA C 141 -28.54 -19.36 -6.10
N LEU C 142 -28.03 -20.19 -7.02
CA LEU C 142 -27.51 -21.51 -6.65
C LEU C 142 -26.24 -21.51 -5.79
N PRO C 143 -26.27 -22.25 -4.66
CA PRO C 143 -25.13 -22.49 -3.76
C PRO C 143 -23.97 -23.40 -4.26
N PRO C 144 -24.21 -24.39 -5.15
CA PRO C 144 -23.05 -25.11 -5.66
C PRO C 144 -22.64 -24.55 -7.02
N ALA C 145 -22.06 -23.35 -6.97
CA ALA C 145 -21.58 -22.67 -8.16
C ALA C 145 -20.29 -23.31 -8.65
N ALA C 146 -19.73 -24.22 -7.86
CA ALA C 146 -18.56 -24.99 -8.27
C ALA C 146 -18.91 -25.87 -9.46
N ALA C 147 -20.17 -26.29 -9.52
CA ALA C 147 -20.64 -27.12 -10.62
C ALA C 147 -20.90 -26.28 -11.86
N ASP C 148 -21.36 -25.06 -11.67
CA ASP C 148 -21.82 -24.25 -12.79
C ASP C 148 -20.71 -23.42 -13.44
N LEU C 149 -19.89 -22.77 -12.62
CA LEU C 149 -18.82 -21.91 -13.10
C LEU C 149 -17.76 -22.71 -13.86
N GLU C 150 -17.49 -23.93 -13.39
CA GLU C 150 -16.49 -24.79 -14.01
C GLU C 150 -16.90 -25.20 -15.43
N LEU C 151 -18.06 -24.72 -15.88
CA LEU C 151 -18.59 -25.00 -17.21
C LEU C 151 -18.42 -23.82 -18.17
N ASP C 160 -18.72 -20.83 -30.60
CA ASP C 160 -17.37 -20.43 -30.96
C ASP C 160 -17.34 -19.01 -31.53
N GLU C 161 -16.19 -18.35 -31.38
CA GLU C 161 -15.94 -17.01 -31.93
C GLU C 161 -16.80 -15.91 -31.29
N ALA C 162 -16.25 -15.24 -30.27
CA ALA C 162 -16.92 -14.14 -29.58
C ALA C 162 -18.33 -14.50 -29.11
N THR C 163 -18.55 -15.77 -28.79
CA THR C 163 -19.83 -16.26 -28.27
C THR C 163 -19.57 -17.51 -27.42
N ASN C 164 -18.34 -17.61 -26.94
CA ASN C 164 -17.97 -18.55 -25.87
C ASN C 164 -18.20 -17.85 -24.52
N GLU C 165 -18.60 -18.63 -23.53
CA GLU C 165 -19.17 -18.09 -22.30
C GLU C 165 -18.24 -17.19 -21.48
N LEU C 166 -16.94 -17.47 -21.49
CA LEU C 166 -15.98 -16.79 -20.61
C LEU C 166 -15.87 -15.28 -20.85
N LEU C 167 -15.68 -14.89 -22.11
CA LEU C 167 -15.64 -13.48 -22.48
C LEU C 167 -16.84 -12.71 -21.93
N HIS C 168 -18.03 -13.30 -22.06
CA HIS C 168 -19.26 -12.62 -21.63
C HIS C 168 -19.43 -12.62 -20.11
N PHE C 169 -18.97 -13.67 -19.43
CA PHE C 169 -18.99 -13.71 -17.97
C PHE C 169 -18.11 -12.60 -17.38
N ILE C 170 -16.87 -12.55 -17.84
CA ILE C 170 -15.96 -11.49 -17.46
C ILE C 170 -16.60 -10.14 -17.76
N ARG C 171 -17.24 -10.03 -18.92
CA ARG C 171 -17.93 -8.80 -19.29
C ARG C 171 -19.05 -8.46 -18.28
N ALA C 172 -19.63 -9.50 -17.67
CA ALA C 172 -20.74 -9.33 -16.73
C ALA C 172 -20.26 -8.84 -15.36
N LEU C 173 -19.14 -9.39 -14.91
CA LEU C 173 -18.51 -8.86 -13.70
C LEU C 173 -18.06 -7.41 -13.92
N THR C 174 -17.49 -7.13 -15.09
CA THR C 174 -17.14 -5.76 -15.46
C THR C 174 -18.35 -4.83 -15.42
N SER C 175 -19.49 -5.33 -15.87
CA SER C 175 -20.74 -4.58 -15.84
C SER C 175 -21.17 -4.27 -14.41
N ARG C 176 -21.08 -5.28 -13.55
CA ARG C 176 -21.47 -5.12 -12.15
C ARG C 176 -20.57 -4.13 -11.42
N LEU C 177 -19.29 -4.12 -11.79
CA LEU C 177 -18.32 -3.21 -11.16
C LEU C 177 -18.71 -1.76 -11.38
N VAL C 178 -19.22 -1.45 -12.57
CA VAL C 178 -19.52 -0.07 -12.91
C VAL C 178 -20.82 0.39 -12.25
N ALA C 179 -21.54 -0.56 -11.63
CA ALA C 179 -22.62 -0.23 -10.71
C ALA C 179 -22.03 0.23 -9.39
N ARG C 180 -22.85 0.41 -8.38
CA ARG C 180 -22.32 0.72 -7.06
C ARG C 180 -22.64 -0.41 -6.11
N ARG C 181 -22.92 -1.59 -6.66
CA ARG C 181 -23.33 -2.69 -5.80
C ARG C 181 -22.63 -3.99 -6.15
N ASP C 182 -22.67 -4.89 -5.17
CA ASP C 182 -22.21 -6.26 -5.30
C ASP C 182 -20.72 -6.36 -5.55
N TYR C 183 -19.94 -5.52 -4.88
CA TYR C 183 -18.49 -5.66 -4.92
C TYR C 183 -18.14 -7.03 -4.34
N GLU C 184 -18.79 -7.38 -3.24
CA GLU C 184 -18.47 -8.60 -2.49
C GLU C 184 -18.55 -9.87 -3.34
N LEU C 185 -19.67 -10.05 -4.04
CA LEU C 185 -19.87 -11.25 -4.84
C LEU C 185 -19.12 -11.12 -6.15
N THR C 186 -18.84 -9.90 -6.59
CA THR C 186 -18.01 -9.72 -7.77
C THR C 186 -16.64 -10.31 -7.52
N GLN C 187 -16.01 -9.90 -6.43
CA GLN C 187 -14.69 -10.40 -6.08
C GLN C 187 -14.72 -11.90 -5.78
N ALA C 188 -15.74 -12.32 -5.03
CA ALA C 188 -15.88 -13.73 -4.68
C ALA C 188 -15.98 -14.61 -5.92
N TRP C 189 -16.74 -14.14 -6.91
CA TRP C 189 -16.92 -14.90 -8.14
C TRP C 189 -15.65 -14.84 -9.00
N MET C 190 -14.99 -13.69 -8.97
CA MET C 190 -13.78 -13.45 -9.78
C MET C 190 -12.59 -14.29 -9.31
N THR C 191 -12.48 -14.55 -8.01
CA THR C 191 -11.40 -15.38 -7.51
C THR C 191 -11.59 -16.87 -7.84
N VAL C 192 -12.81 -17.38 -7.76
CA VAL C 192 -13.06 -18.78 -8.10
C VAL C 192 -13.04 -18.98 -9.61
N PHE C 193 -13.37 -17.90 -10.34
CA PHE C 193 -13.20 -17.86 -11.79
C PHE C 193 -11.73 -18.04 -12.13
N LEU C 194 -10.89 -17.16 -11.59
CA LEU C 194 -9.46 -17.21 -11.85
C LEU C 194 -8.72 -18.26 -11.00
N ARG C 195 -9.48 -19.14 -10.34
CA ARG C 195 -8.87 -20.23 -9.58
C ARG C 195 -8.54 -21.41 -10.48
N LEU C 196 -9.36 -21.61 -11.52
CA LEU C 196 -9.23 -22.79 -12.38
C LEU C 196 -9.17 -22.42 -13.87
N HIS C 197 -9.78 -21.28 -14.22
CA HIS C 197 -9.77 -20.84 -15.60
C HIS C 197 -8.51 -20.04 -15.95
N PHE C 198 -7.62 -19.82 -14.99
CA PHE C 198 -6.48 -18.93 -15.20
C PHE C 198 -5.45 -19.49 -16.18
N ASP C 199 -5.47 -20.80 -16.36
CA ASP C 199 -4.54 -21.45 -17.30
C ASP C 199 -5.15 -21.49 -18.69
N LEU C 200 -6.49 -21.55 -18.75
CA LEU C 200 -7.19 -21.62 -20.02
C LEU C 200 -7.34 -20.24 -20.66
N ILE C 201 -7.48 -19.20 -19.85
CA ILE C 201 -7.67 -17.84 -20.36
C ILE C 201 -6.35 -17.16 -20.64
N MET C 202 -5.25 -17.73 -20.15
CA MET C 202 -3.94 -17.19 -20.46
C MET C 202 -3.58 -17.57 -21.89
N GLU C 203 -4.37 -18.47 -22.47
CA GLU C 203 -4.15 -18.96 -23.83
C GLU C 203 -4.90 -18.12 -24.87
N ASN C 204 -6.11 -17.67 -24.54
CA ASN C 204 -6.90 -16.84 -25.45
C ASN C 204 -6.50 -15.35 -25.37
N GLU C 205 -7.02 -14.54 -26.28
CA GLU C 205 -6.62 -13.13 -26.38
C GLU C 205 -7.72 -12.15 -26.02
N GLU C 206 -8.97 -12.52 -26.31
CA GLU C 206 -10.11 -11.63 -26.11
C GLU C 206 -10.39 -11.35 -24.65
N LEU C 207 -10.41 -12.42 -23.85
CA LEU C 207 -10.64 -12.30 -22.41
C LEU C 207 -9.45 -11.64 -21.70
N LEU C 208 -8.31 -11.57 -22.38
CA LEU C 208 -7.19 -10.82 -21.85
C LEU C 208 -7.51 -9.32 -21.95
N GLN C 209 -7.97 -8.86 -23.10
CA GLN C 209 -8.36 -7.45 -23.25
C GLN C 209 -9.56 -7.11 -22.38
N ALA C 210 -10.43 -8.11 -22.17
CA ALA C 210 -11.58 -7.96 -21.28
C ALA C 210 -11.13 -7.76 -19.83
N LEU C 211 -10.16 -8.56 -19.38
CA LEU C 211 -9.59 -8.38 -18.06
C LEU C 211 -8.85 -7.04 -17.96
N GLY C 212 -8.31 -6.59 -19.08
CA GLY C 212 -7.64 -5.31 -19.15
C GLY C 212 -8.61 -4.17 -18.96
N GLU C 213 -9.84 -4.35 -19.43
CA GLU C 213 -10.88 -3.35 -19.21
C GLU C 213 -11.43 -3.45 -17.78
N TRP C 214 -11.58 -4.67 -17.29
CA TRP C 214 -12.11 -4.92 -15.95
C TRP C 214 -11.22 -4.34 -14.87
N ARG C 215 -9.93 -4.50 -15.09
CA ARG C 215 -8.92 -4.00 -14.17
C ARG C 215 -9.02 -2.49 -13.99
N GLU C 216 -9.49 -1.78 -15.01
CA GLU C 216 -9.66 -0.32 -14.94
C GLU C 216 -10.65 0.09 -13.85
N HIS C 217 -11.91 -0.24 -14.08
CA HIS C 217 -12.98 0.01 -13.11
C HIS C 217 -12.60 -0.56 -11.74
N GLN C 218 -12.19 -1.83 -11.74
CA GLN C 218 -11.78 -2.53 -10.51
C GLN C 218 -10.76 -1.71 -9.72
N ALA C 219 -9.80 -1.13 -10.45
CA ALA C 219 -8.75 -0.30 -9.86
C ALA C 219 -9.31 0.96 -9.24
N ARG C 220 -10.02 1.76 -10.05
CA ARG C 220 -10.62 2.99 -9.55
C ARG C 220 -11.37 2.77 -8.25
N GLU C 221 -12.30 1.82 -8.29
CA GLU C 221 -13.13 1.56 -7.12
C GLU C 221 -12.31 1.03 -5.94
N ARG C 222 -11.35 0.13 -6.20
CA ARG C 222 -10.52 -0.37 -5.11
C ARG C 222 -9.81 0.78 -4.40
N ASP C 223 -9.22 1.68 -5.19
CA ASP C 223 -8.59 2.89 -4.67
C ASP C 223 -9.54 3.67 -3.75
N ARG C 224 -10.70 4.05 -4.28
CA ARG C 224 -11.73 4.72 -3.50
C ARG C 224 -12.00 4.04 -2.13
N LEU C 225 -12.48 2.80 -2.19
CA LEU C 225 -12.89 2.07 -0.98
C LEU C 225 -11.76 1.85 0.02
N SER C 226 -10.57 1.55 -0.49
CA SER C 226 -9.42 1.27 0.37
C SER C 226 -8.92 2.55 1.04
N GLU C 227 -9.06 3.68 0.35
CA GLU C 227 -8.73 4.94 1.02
C GLU C 227 -9.73 5.21 2.12
N LEU C 228 -10.99 4.85 1.90
CA LEU C 228 -12.00 5.10 2.93
C LEU C 228 -11.85 4.21 4.17
N VAL C 229 -11.78 2.90 3.97
CA VAL C 229 -11.66 2.00 5.09
C VAL C 229 -10.28 2.10 5.71
N GLY C 230 -9.32 2.58 4.91
CA GLY C 230 -7.97 2.78 5.38
C GLY C 230 -7.92 3.97 6.31
N TYR C 231 -8.32 5.13 5.79
CA TYR C 231 -8.45 6.35 6.58
C TYR C 231 -9.20 6.08 7.88
N CYS C 232 -10.41 5.53 7.76
CA CYS C 232 -11.23 5.30 8.95
C CYS C 232 -10.55 4.35 9.94
N GLY C 233 -10.19 3.15 9.49
CA GLY C 233 -9.53 2.16 10.33
C GLY C 233 -8.33 2.72 11.08
N GLY C 234 -7.47 3.42 10.33
CA GLY C 234 -6.30 4.05 10.89
C GLY C 234 -6.60 5.11 11.93
N VAL C 235 -7.31 6.17 11.52
CA VAL C 235 -7.57 7.27 12.42
C VAL C 235 -8.26 6.78 13.70
N VAL C 236 -9.21 5.86 13.56
CA VAL C 236 -9.88 5.29 14.74
C VAL C 236 -8.93 4.51 15.64
N SER C 237 -8.04 3.70 15.03
CA SER C 237 -7.01 3.02 15.80
C SER C 237 -6.13 4.03 16.56
N PHE C 238 -5.93 5.21 15.96
CA PHE C 238 -5.13 6.26 16.60
C PHE C 238 -5.86 6.89 17.77
N LEU C 239 -7.15 7.14 17.57
CA LEU C 239 -7.93 7.89 18.52
C LEU C 239 -8.16 7.09 19.79
N ARG C 240 -8.16 5.77 19.67
CA ARG C 240 -8.35 4.93 20.83
C ARG C 240 -7.06 4.75 21.64
N SER C 241 -6.10 5.66 21.47
CA SER C 241 -4.79 5.53 22.13
C SER C 241 -4.57 6.57 23.23
N ASP D 29 -31.67 21.72 8.02
CA ASP D 29 -32.79 21.11 7.31
C ASP D 29 -32.93 19.63 7.62
N TYR D 30 -32.19 18.80 6.89
CA TYR D 30 -32.06 17.38 7.22
C TYR D 30 -31.57 17.21 8.63
N LEU D 31 -30.61 18.06 9.00
CA LEU D 31 -30.06 18.06 10.34
C LEU D 31 -31.16 18.09 11.37
N LYS D 32 -32.01 19.12 11.26
CA LYS D 32 -33.16 19.30 12.15
C LYS D 32 -33.90 17.99 12.37
N ALA D 33 -34.28 17.35 11.26
CA ALA D 33 -35.00 16.09 11.30
C ALA D 33 -34.21 15.00 12.03
N LEU D 34 -32.91 14.97 11.84
CA LEU D 34 -32.11 13.92 12.45
C LEU D 34 -31.96 14.13 13.95
N VAL D 35 -31.90 15.39 14.36
CA VAL D 35 -31.82 15.69 15.78
C VAL D 35 -33.14 15.38 16.44
N MET D 36 -34.24 15.59 15.74
CA MET D 36 -35.53 15.20 16.33
C MET D 36 -35.66 13.68 16.40
N ALA D 37 -35.29 13.00 15.31
CA ALA D 37 -35.36 11.54 15.27
C ALA D 37 -34.53 10.92 16.38
N PHE D 38 -33.40 11.54 16.74
CA PHE D 38 -32.69 11.06 17.91
C PHE D 38 -33.40 11.48 19.19
N ARG D 39 -34.00 12.66 19.16
CA ARG D 39 -34.70 13.19 20.32
C ARG D 39 -35.86 12.27 20.71
N LEU D 40 -36.34 11.50 19.75
CA LEU D 40 -37.47 10.59 19.97
C LEU D 40 -36.99 9.21 20.25
N ASN D 41 -35.72 8.95 19.96
CA ASN D 41 -35.11 7.65 20.21
C ASN D 41 -35.71 6.54 19.32
N GLU D 42 -36.66 6.87 18.47
CA GLU D 42 -37.29 5.85 17.65
C GLU D 42 -36.34 5.41 16.54
N ALA D 43 -35.82 4.21 16.70
CA ALA D 43 -34.76 3.63 15.88
C ALA D 43 -35.07 3.57 14.39
N GLY D 44 -36.28 3.12 14.06
CA GLY D 44 -36.70 3.03 12.68
C GLY D 44 -36.71 4.41 12.04
N LEU D 45 -37.19 5.40 12.79
CA LEU D 45 -37.25 6.76 12.28
C LEU D 45 -35.86 7.30 12.00
N ILE D 46 -34.98 7.14 13.00
CA ILE D 46 -33.59 7.48 12.83
C ILE D 46 -33.07 6.88 11.54
N THR D 47 -33.38 5.61 11.29
CA THR D 47 -32.92 4.95 10.08
C THR D 47 -33.49 5.57 8.80
N ARG D 48 -34.80 5.85 8.79
CA ARG D 48 -35.43 6.44 7.61
C ARG D 48 -34.76 7.77 7.27
N VAL D 49 -34.64 8.66 8.25
CA VAL D 49 -34.06 9.98 7.98
C VAL D 49 -32.56 9.84 7.69
N TYR D 50 -31.94 8.81 8.23
CA TYR D 50 -30.52 8.56 8.04
C TYR D 50 -30.22 8.23 6.57
N GLN D 51 -30.89 7.21 6.06
CA GLN D 51 -30.74 6.86 4.66
C GLN D 51 -31.36 7.93 3.76
N ALA D 52 -32.16 8.82 4.36
CA ALA D 52 -32.80 9.89 3.60
C ALA D 52 -31.80 10.89 3.04
N ILE D 53 -30.86 11.32 3.88
CA ILE D 53 -29.96 12.39 3.49
C ILE D 53 -29.08 11.96 2.33
N PRO D 54 -28.78 12.90 1.42
CA PRO D 54 -27.90 12.59 0.29
C PRO D 54 -26.44 12.61 0.74
N TYR D 55 -25.57 11.90 0.03
CA TYR D 55 -24.20 11.77 0.49
C TYR D 55 -23.44 13.09 0.50
N THR D 56 -23.93 14.08 -0.25
CA THR D 56 -23.24 15.36 -0.37
C THR D 56 -23.48 16.25 0.83
N ASP D 57 -24.52 15.95 1.59
CA ASP D 57 -24.91 16.79 2.71
C ASP D 57 -24.34 16.32 4.05
N ILE D 58 -23.80 15.10 4.07
CA ILE D 58 -23.35 14.45 5.31
C ILE D 58 -22.38 15.34 6.09
N GLY D 59 -21.47 15.96 5.37
CA GLY D 59 -20.56 16.89 5.99
C GLY D 59 -21.35 17.89 6.81
N LEU D 60 -22.02 18.82 6.12
CA LEU D 60 -22.88 19.83 6.71
C LEU D 60 -23.60 19.35 7.96
N VAL D 61 -24.30 18.23 7.82
CA VAL D 61 -25.02 17.64 8.93
C VAL D 61 -24.12 17.34 10.12
N VAL D 62 -23.12 16.47 9.93
CA VAL D 62 -22.30 16.03 11.04
C VAL D 62 -21.63 17.21 11.71
N GLU D 63 -21.27 18.20 10.91
CA GLU D 63 -20.70 19.43 11.45
C GLU D 63 -21.67 20.08 12.44
N GLN D 64 -22.89 20.35 12.02
CA GLN D 64 -23.80 21.08 12.90
C GLN D 64 -24.42 20.22 14.00
N PHE D 65 -24.09 18.93 14.01
CA PHE D 65 -24.72 17.96 14.91
C PHE D 65 -24.28 18.08 16.37
N PRO D 66 -25.25 18.04 17.30
CA PRO D 66 -25.09 18.03 18.76
C PRO D 66 -24.09 16.99 19.23
N THR D 67 -23.13 17.39 20.05
CA THR D 67 -22.12 16.44 20.51
C THR D 67 -22.67 15.32 21.39
N VAL D 68 -23.68 15.63 22.22
CA VAL D 68 -24.18 14.62 23.14
C VAL D 68 -24.76 13.41 22.39
N TYR D 69 -25.32 13.66 21.21
CA TYR D 69 -25.88 12.59 20.39
C TYR D 69 -24.84 11.94 19.47
N VAL D 70 -23.61 12.43 19.53
CA VAL D 70 -22.53 11.90 18.68
C VAL D 70 -22.11 10.48 19.08
N PRO D 71 -21.88 10.22 20.38
CA PRO D 71 -21.61 8.81 20.70
C PRO D 71 -22.75 7.88 20.25
N ARG D 72 -23.99 8.22 20.59
CA ARG D 72 -25.15 7.40 20.19
C ARG D 72 -25.14 7.18 18.68
N LEU D 73 -24.99 8.28 17.93
CA LEU D 73 -24.90 8.23 16.47
C LEU D 73 -23.84 7.23 16.01
N LEU D 74 -22.66 7.25 16.64
CA LEU D 74 -21.62 6.29 16.30
C LEU D 74 -22.12 4.85 16.41
N ARG D 75 -22.72 4.53 17.57
CA ARG D 75 -23.23 3.17 17.81
C ARG D 75 -24.12 2.79 16.65
N PHE D 76 -24.89 3.77 16.19
CA PHE D 76 -25.79 3.53 15.08
C PHE D 76 -24.99 3.21 13.81
N VAL D 77 -24.13 4.14 13.37
CA VAL D 77 -23.49 3.97 12.06
C VAL D 77 -22.52 2.80 12.09
N ALA D 78 -22.15 2.36 13.29
CA ALA D 78 -21.41 1.13 13.47
C ALA D 78 -22.30 -0.04 13.08
N ALA D 79 -23.41 -0.16 13.81
CA ALA D 79 -24.37 -1.25 13.59
C ALA D 79 -24.93 -1.28 12.17
N GLN D 80 -24.92 -0.13 11.50
CA GLN D 80 -25.38 -0.07 10.12
C GLN D 80 -24.32 -0.59 9.17
N THR D 81 -23.06 -0.32 9.49
CA THR D 81 -21.95 -0.79 8.65
C THR D 81 -21.96 -2.34 8.59
N GLU D 82 -22.26 -2.98 9.71
CA GLU D 82 -22.14 -4.43 9.81
C GLU D 82 -23.48 -5.19 9.71
N GLN D 83 -24.52 -4.53 9.18
CA GLN D 83 -25.83 -5.18 9.05
C GLN D 83 -26.68 -4.65 7.87
N SER D 84 -26.02 -4.06 6.88
CA SER D 84 -26.72 -3.47 5.73
C SER D 84 -25.74 -3.02 4.65
N PRO D 85 -25.84 -3.62 3.45
CA PRO D 85 -24.96 -3.39 2.30
C PRO D 85 -24.98 -1.97 1.72
N HIS D 86 -24.43 -1.03 2.47
CA HIS D 86 -24.33 0.37 2.05
C HIS D 86 -22.94 0.94 2.32
N MET D 87 -21.92 0.17 1.97
CA MET D 87 -20.54 0.44 2.34
C MET D 87 -20.11 1.87 2.25
N GLU D 88 -20.13 2.39 1.02
CA GLU D 88 -19.62 3.72 0.72
C GLU D 88 -20.28 4.76 1.60
N PHE D 89 -21.58 4.56 1.82
CA PHE D 89 -22.37 5.47 2.63
C PHE D 89 -21.97 5.47 4.11
N CYS D 90 -21.96 4.30 4.72
CA CYS D 90 -21.61 4.18 6.13
C CYS D 90 -20.17 4.58 6.41
N LEU D 91 -19.25 4.11 5.57
CA LEU D 91 -17.85 4.47 5.71
C LEU D 91 -17.71 5.97 5.57
N LEU D 92 -18.46 6.57 4.65
CA LEU D 92 -18.45 8.02 4.53
C LEU D 92 -18.96 8.70 5.80
N TRP D 93 -19.97 8.09 6.41
CA TRP D 93 -20.52 8.63 7.64
C TRP D 93 -19.45 8.64 8.74
N ILE D 94 -18.85 7.49 9.03
CA ILE D 94 -17.76 7.44 10.00
C ILE D 94 -16.63 8.41 9.66
N ARG D 95 -16.30 8.49 8.37
CA ARG D 95 -15.22 9.36 7.91
C ARG D 95 -15.47 10.81 8.29
N ALA D 96 -16.60 11.34 7.87
CA ALA D 96 -16.93 12.74 8.15
C ALA D 96 -17.14 12.94 9.65
N LEU D 97 -17.52 11.87 10.36
CA LEU D 97 -17.69 11.92 11.81
C LEU D 97 -16.38 12.15 12.53
N ILE D 98 -15.41 11.25 12.36
CA ILE D 98 -14.12 11.39 13.02
C ILE D 98 -13.47 12.68 12.55
N ASP D 99 -13.64 12.98 11.26
CA ASP D 99 -13.15 14.24 10.74
C ASP D 99 -13.64 15.44 11.57
N LYS D 100 -14.95 15.61 11.69
CA LYS D 100 -15.49 16.81 12.35
C LYS D 100 -15.48 16.77 13.88
N HIS D 101 -15.43 15.57 14.44
CA HIS D 101 -15.52 15.41 15.90
C HIS D 101 -14.43 14.49 16.43
N GLY D 102 -13.22 14.63 15.91
CA GLY D 102 -12.10 13.80 16.35
C GLY D 102 -11.50 14.15 17.70
N PRO D 103 -11.01 15.41 17.85
CA PRO D 103 -10.45 15.90 19.10
C PRO D 103 -11.36 15.60 20.27
N TRP D 104 -12.65 15.80 20.04
CA TRP D 104 -13.68 15.52 21.02
C TRP D 104 -13.57 14.08 21.51
N LEU D 105 -13.68 13.12 20.58
CA LEU D 105 -13.55 11.70 20.91
C LEU D 105 -12.26 11.37 21.64
N ALA D 106 -11.18 12.02 21.20
CA ALA D 106 -9.87 11.86 21.80
C ALA D 106 -9.93 12.19 23.28
N ALA D 107 -10.15 13.47 23.56
CA ALA D 107 -10.15 13.99 24.92
C ALA D 107 -11.13 13.23 25.81
N ASN D 108 -12.33 13.00 25.31
CA ASN D 108 -13.36 12.37 26.12
C ASN D 108 -13.05 10.93 26.49
N ARG D 109 -12.78 10.08 25.48
CA ARG D 109 -12.57 8.65 25.72
C ARG D 109 -13.70 8.19 26.65
N GLY D 110 -13.35 7.70 27.83
CA GLY D 110 -14.33 7.23 28.79
C GLY D 110 -15.24 6.22 28.15
N LYS D 111 -16.55 6.38 28.34
CA LYS D 111 -17.53 5.47 27.76
C LYS D 111 -17.41 5.41 26.23
N VAL D 112 -16.97 6.49 25.61
CA VAL D 112 -16.83 6.54 24.16
C VAL D 112 -15.85 5.47 23.67
N ASP D 113 -14.92 5.04 24.53
CA ASP D 113 -13.94 4.00 24.18
C ASP D 113 -14.62 2.65 23.87
N VAL D 114 -15.88 2.50 24.27
CA VAL D 114 -16.67 1.34 23.84
C VAL D 114 -17.24 1.62 22.45
N GLU D 115 -17.84 2.79 22.29
CA GLU D 115 -18.35 3.25 21.00
C GLU D 115 -17.25 3.13 19.94
N LEU D 116 -16.13 3.81 20.18
CA LEU D 116 -14.95 3.69 19.34
C LEU D 116 -14.66 2.24 19.01
N ARG D 117 -14.66 1.39 20.03
CA ARG D 117 -14.22 0.01 19.84
C ARG D 117 -15.18 -0.81 18.97
N VAL D 118 -16.40 -0.33 18.77
CA VAL D 118 -17.29 -1.06 17.87
C VAL D 118 -17.20 -0.46 16.47
N VAL D 119 -16.73 0.78 16.38
CA VAL D 119 -16.50 1.40 15.08
C VAL D 119 -15.29 0.75 14.41
N ALA D 120 -14.22 0.62 15.19
CA ALA D 120 -12.99 -0.01 14.75
C ALA D 120 -13.30 -1.41 14.23
N ARG D 121 -13.87 -2.24 15.10
CA ARG D 121 -14.37 -3.55 14.72
C ARG D 121 -15.16 -3.42 13.41
N ALA D 122 -16.06 -2.45 13.36
CA ALA D 122 -16.92 -2.27 12.19
C ALA D 122 -16.12 -2.02 10.90
N VAL D 123 -15.09 -1.18 10.97
CA VAL D 123 -14.32 -0.92 9.75
C VAL D 123 -13.41 -2.11 9.50
N ALA D 124 -13.00 -2.78 10.56
CA ALA D 124 -12.08 -3.93 10.44
C ALA D 124 -12.72 -5.03 9.62
N LYS D 125 -13.89 -5.46 10.06
CA LYS D 125 -14.72 -6.39 9.31
C LYS D 125 -14.93 -5.89 7.90
N MET D 126 -15.11 -4.58 7.74
CA MET D 126 -15.31 -4.02 6.41
C MET D 126 -14.00 -4.08 5.63
N ARG D 127 -12.87 -3.84 6.32
CA ARG D 127 -11.55 -3.82 5.69
C ARG D 127 -11.18 -5.19 5.10
N ASP D 128 -10.87 -6.15 5.99
CA ASP D 128 -10.43 -7.51 5.63
C ASP D 128 -11.39 -8.31 4.76
N GLU D 129 -12.57 -7.76 4.48
CA GLU D 129 -13.50 -8.45 3.60
C GLU D 129 -13.44 -7.86 2.20
N ILE D 130 -13.27 -6.55 2.12
CA ILE D 130 -13.27 -5.88 0.81
C ILE D 130 -11.86 -5.69 0.26
N ARG D 131 -10.87 -5.78 1.13
CA ARG D 131 -9.48 -5.69 0.69
C ARG D 131 -8.95 -7.06 0.26
N ARG D 132 -8.95 -8.02 1.19
CA ARG D 132 -8.41 -9.35 0.97
C ARG D 132 -8.77 -9.91 -0.40
N LEU D 133 -10.03 -9.75 -0.79
CA LEU D 133 -10.47 -10.28 -2.08
C LEU D 133 -10.03 -9.39 -3.24
N ALA D 134 -10.24 -8.08 -3.11
CA ALA D 134 -10.01 -7.15 -4.20
C ALA D 134 -8.59 -7.27 -4.75
N ASP D 135 -7.63 -6.73 -4.02
CA ASP D 135 -6.26 -6.62 -4.52
C ASP D 135 -5.70 -7.98 -4.97
N GLU D 136 -5.95 -9.04 -4.19
CA GLU D 136 -5.54 -10.39 -4.59
C GLU D 136 -5.91 -10.64 -6.04
N ASN D 137 -7.21 -10.53 -6.33
CA ASN D 137 -7.69 -10.61 -7.69
C ASN D 137 -6.86 -9.76 -8.62
N VAL D 138 -6.82 -8.45 -8.36
CA VAL D 138 -6.16 -7.58 -9.32
C VAL D 138 -4.69 -7.98 -9.44
N TYR D 139 -4.04 -8.41 -8.35
CA TYR D 139 -2.64 -8.82 -8.48
C TYR D 139 -2.51 -9.97 -9.47
N MET D 140 -3.38 -10.98 -9.34
CA MET D 140 -3.36 -12.09 -10.29
C MET D 140 -3.58 -11.59 -11.71
N VAL D 141 -4.56 -10.69 -11.87
CA VAL D 141 -4.84 -10.11 -13.17
C VAL D 141 -3.54 -9.57 -13.74
N ASP D 142 -2.86 -8.82 -12.89
CA ASP D 142 -1.62 -8.16 -13.27
C ASP D 142 -0.62 -9.18 -13.78
N TYR D 143 -0.42 -10.25 -13.02
CA TYR D 143 0.55 -11.24 -13.44
C TYR D 143 0.11 -11.80 -14.80
N LEU D 144 -1.17 -12.09 -14.93
CA LEU D 144 -1.67 -12.67 -16.18
C LEU D 144 -1.50 -11.68 -17.32
N LEU D 145 -1.67 -10.39 -17.02
CA LEU D 145 -1.58 -9.35 -18.03
C LEU D 145 -0.13 -9.17 -18.50
N ASN D 146 0.81 -9.84 -17.81
CA ASN D 146 2.23 -9.67 -18.09
C ASN D 146 2.89 -10.93 -18.66
N GLN D 147 2.27 -12.08 -18.45
CA GLN D 147 2.76 -13.37 -18.97
C GLN D 147 4.14 -13.71 -18.42
#